data_9IS7
#
_entry.id   9IS7
#
loop_
_entity.id
_entity.type
_entity.pdbx_description
1 polymer 'RNA (153-MER)'
2 polymer 'RNA (582-MER)'
3 non-polymer 'MAGNESIUM ION'
4 non-polymer 'POTASSIUM ION'
#
loop_
_entity_poly.entity_id
_entity_poly.type
_entity_poly.pdbx_seq_one_letter_code
_entity_poly.pdbx_strand_id
1 'polyribonucleotide'
;AGCAGGCGCCACCUGCUGCGGAACCGCUGAAGCCGCGUGCCUCUAACAGGGCUGGCGCGGCUACGAAGGGCGCUGGGGGU
GGGAACCACCUCCUUCGACCCAAUCCAUGGCCUGCGCCGCAACGUGCAGGCCAGCAGUCUCCACGACAAGGAG
;
A
2 'polyribonucleotide'
;GGGCGACUACGAAACGGGCCUGGGUAGGAAAUGACCCAGUGACCCUGACAGUUUGGGAAAGUCGGUGAAAGCCCGACCCU
CGGGGCCUAGCGAAAGUGGGCGACGAGUGCAACACCUGGAGGCUGAGGGCGUCAGUGAUGGCGUCAGGCAUGCGGGAGAA
AUCUAGGCAUGCUGGCACCUAUCGAAAGAUGGGGCCGCUGGAUAGCUCAAUCAGGUAAAGGCACCGUUCAGGUGCUGUGU
UGAGGCAUAGGAAGGCAGGGCCGCAGUCGCGGUAAGCAAGCAGCGUUGAAGCGCAUCGGCAGUACCGCAUCCGUUAUGGA
ACCUUGGGAGCGAGAAACCCUGGAAACGGGGGUAGGGUCAGAGACCUAGAUAAAUCCGAUGUGGCCGAGCUGGCUGUCGU
UCGAUGCCGUAGUACUGACUGUCUAAGUAGGGAAGGUCUCGGCAGAUCGUGGGGGUGGCACCCUGCGAAAUUAUCUGCCA
AGACUGGGAGAUGGCUUGAGUAGUGCCGCCGCGCGAGCGGUGGGCAGACCAUGGGGGCAGACUUGCUGGAUGUUCCUAUC
GGCGAAAGAGCCAAGCGGUAAC
;
B
#